data_6QPR
#
_entry.id   6QPR
#
_cell.length_a   98.696
_cell.length_b   61.374
_cell.length_c   62.814
_cell.angle_alpha   90.00
_cell.angle_beta   111.85
_cell.angle_gamma   90.00
#
_symmetry.space_group_name_H-M   'C 1 2 1'
#
loop_
_entity.id
_entity.type
_entity.pdbx_description
1 polymer Lipase
2 non-polymer 2-acetamido-2-deoxy-beta-D-glucopyranose
3 water water
#
_entity_poly.entity_id   1
_entity_poly.type   'polypeptide(L)'
_entity_poly.pdbx_seq_one_letter_code
;MVLKQRANYLGFLIVFFTAFLVEAVPIKRQSNSTVDSLPPLIPSRTSAPSSSPSTTDPEAPAMSRNGPLPSDVETKYGMA
LNATSYPDSVVQAMDGGIRAATSQEINELTYYTTLSANSYCRTVIPGATWDCIHCDATEDLKIIKTWSTLIYDTNAMVAR
GDSEKTIYIVFRGSSSIRNWIADLTFVPVSYPPVSGTKVHKGFLDSYGEVQNELVATVLDQFKQYPSYKVAVTGHSLGGA
TALLCALDLYQREEGLSSSNLFLYTQGQPRVGDPAFANYVVSTGIPYRRTVNERDIVPHLPPAAFGFLHAGEEYWITDNS
PETVQVCTSDLETSDCSNSIVPFTSVLDHLSYFGINTGLCT
;
_entity_poly.pdbx_strand_id   A
#
loop_
_chem_comp.id
_chem_comp.type
_chem_comp.name
_chem_comp.formula
NAG D-saccharide, beta linking 2-acetamido-2-deoxy-beta-D-glucopyranose 'C8 H15 N O6'
#
# COMPACT_ATOMS: atom_id res chain seq x y z
N SER A 37 14.01 -14.16 -19.21
CA SER A 37 14.14 -12.71 -19.08
C SER A 37 14.03 -12.32 -17.61
N LEU A 38 12.88 -12.48 -16.90
CA LEU A 38 12.88 -12.26 -15.40
C LEU A 38 13.91 -13.24 -14.79
N PRO A 39 14.68 -12.72 -13.84
CA PRO A 39 15.52 -13.57 -13.01
C PRO A 39 14.65 -14.54 -12.25
N PRO A 40 15.12 -15.74 -12.00
CA PRO A 40 14.31 -16.77 -11.39
C PRO A 40 13.98 -16.54 -9.90
N LEU A 41 12.84 -17.00 -9.44
CA LEU A 41 12.52 -17.02 -8.04
C LEU A 41 13.61 -17.73 -7.25
N ILE A 42 13.94 -17.14 -6.13
CA ILE A 42 14.92 -17.68 -5.20
C ILE A 42 14.20 -18.55 -4.16
N PRO A 43 14.48 -19.85 -4.09
CA PRO A 43 13.76 -20.74 -3.16
C PRO A 43 13.75 -20.30 -1.68
N SER A 44 14.89 -19.81 -1.16
CA SER A 44 14.95 -19.47 0.24
C SER A 44 14.03 -18.27 0.54
N ARG A 45 13.65 -17.53 -0.51
CA ARG A 45 12.85 -16.34 -0.31
C ARG A 45 11.39 -16.52 -0.71
N THR A 46 11.03 -17.74 -1.13
CA THR A 46 9.69 -18.08 -1.54
C THR A 46 9.09 -19.19 -0.70
N SER A 47 9.62 -19.40 0.48
CA SER A 47 9.15 -20.41 1.40
C SER A 47 8.25 -19.80 2.45
N ALA A 48 7.05 -20.35 2.69
CA ALA A 48 6.21 -19.81 3.79
C ALA A 48 6.81 -20.21 5.13
N PRO A 49 6.73 -19.32 6.14
CA PRO A 49 7.20 -19.75 7.46
C PRO A 49 6.49 -21.05 7.91
N SER A 50 7.20 -21.94 8.62
CA SER A 50 6.69 -23.31 8.97
C SER A 50 5.46 -23.31 9.90
N SER A 51 5.49 -22.46 10.90
CA SER A 51 4.45 -22.40 11.90
C SER A 51 4.34 -20.95 12.30
N SER A 52 3.12 -20.42 12.22
CA SER A 52 2.87 -19.03 12.57
C SER A 52 1.86 -19.00 13.73
N PRO A 53 2.07 -18.08 14.68
CA PRO A 53 1.00 -17.89 15.67
C PRO A 53 -0.33 -17.57 14.95
N SER A 54 -1.45 -18.07 15.45
CA SER A 54 -2.79 -17.66 14.92
C SER A 54 -3.03 -16.19 15.28
N THR A 55 -3.77 -15.47 14.43
CA THR A 55 -4.07 -14.09 14.73
C THR A 55 -5.58 -13.98 14.96
N THR A 56 -6.02 -13.37 16.04
CA THR A 56 -7.43 -13.19 16.16
C THR A 56 -7.85 -11.99 15.27
N ASP A 57 -9.12 -11.94 14.85
CA ASP A 57 -9.60 -10.92 13.97
C ASP A 57 -9.44 -9.56 14.61
N PRO A 58 -8.69 -8.68 13.99
CA PRO A 58 -8.40 -7.37 14.59
C PRO A 58 -9.56 -6.39 14.52
N GLU A 59 -10.54 -6.60 13.65
CA GLU A 59 -11.71 -5.69 13.52
C GLU A 59 -12.88 -6.12 14.42
N ALA A 60 -12.89 -7.33 14.92
CA ALA A 60 -14.08 -7.89 15.59
C ALA A 60 -14.43 -7.10 16.86
N PRO A 61 -13.42 -6.71 17.68
CA PRO A 61 -13.77 -5.98 18.91
C PRO A 61 -14.53 -4.66 18.63
N ALA A 62 -14.11 -3.91 17.63
CA ALA A 62 -14.76 -2.67 17.21
C ALA A 62 -16.11 -2.96 16.56
N MET A 63 -16.19 -3.95 15.71
CA MET A 63 -17.49 -4.29 15.07
C MET A 63 -18.57 -4.61 16.13
N SER A 64 -18.15 -5.18 17.26
N SER A 64 -18.11 -5.22 17.26
CA SER A 64 -19.10 -5.51 18.32
CA SER A 64 -18.95 -5.56 18.46
C SER A 64 -19.41 -4.28 19.19
C SER A 64 -19.37 -4.30 19.20
N ARG A 65 -18.38 -3.49 19.48
CA ARG A 65 -18.49 -2.35 20.47
C ARG A 65 -19.18 -1.14 19.83
N ASN A 66 -18.91 -0.89 18.55
CA ASN A 66 -19.35 0.31 17.92
C ASN A 66 -20.78 0.09 17.38
N GLY A 67 -21.50 1.14 17.11
CA GLY A 67 -22.63 0.97 16.18
C GLY A 67 -23.91 1.22 16.93
N PRO A 68 -25.05 0.95 16.32
CA PRO A 68 -25.23 0.76 14.88
C PRO A 68 -24.90 2.05 14.10
N LEU A 69 -24.63 1.88 12.84
CA LEU A 69 -24.46 3.00 11.91
C LEU A 69 -25.80 3.75 11.73
N PRO A 70 -25.70 5.04 11.41
CA PRO A 70 -26.99 5.70 11.12
C PRO A 70 -27.70 5.02 9.93
N SER A 71 -29.03 5.07 9.95
CA SER A 71 -29.84 4.28 9.01
C SER A 71 -29.55 4.61 7.53
N ASP A 72 -29.26 5.87 7.28
CA ASP A 72 -29.13 6.41 5.89
C ASP A 72 -27.69 6.16 5.33
N VAL A 73 -26.78 5.73 6.20
CA VAL A 73 -25.34 5.55 5.77
C VAL A 73 -25.24 4.31 4.85
N GLU A 74 -24.61 4.51 3.67
CA GLU A 74 -24.35 3.41 2.68
C GLU A 74 -23.15 2.59 3.13
N THR A 75 -23.18 1.28 2.88
CA THR A 75 -22.05 0.40 3.22
C THR A 75 -21.52 -0.38 2.01
N LYS A 76 -20.28 -0.81 2.16
CA LYS A 76 -19.63 -1.76 1.27
C LYS A 76 -18.94 -2.84 2.13
N TYR A 77 -19.33 -4.08 1.99
CA TYR A 77 -18.83 -5.12 2.82
C TYR A 77 -19.02 -4.83 4.31
N GLY A 78 -20.13 -4.12 4.63
CA GLY A 78 -20.45 -3.81 6.02
C GLY A 78 -19.79 -2.56 6.56
N MET A 79 -18.81 -2.02 5.82
CA MET A 79 -18.08 -0.85 6.24
C MET A 79 -18.77 0.39 5.62
N ALA A 80 -18.90 1.48 6.43
CA ALA A 80 -19.57 2.66 5.91
C ALA A 80 -18.80 3.26 4.73
N LEU A 81 -19.51 3.66 3.68
CA LEU A 81 -18.93 4.51 2.63
C LEU A 81 -18.95 5.98 3.04
N ASN A 82 -19.92 6.34 3.86
CA ASN A 82 -20.18 7.79 4.08
C ASN A 82 -20.59 8.09 5.51
N ALA A 83 -20.09 7.40 6.52
CA ALA A 83 -20.22 7.89 7.92
C ALA A 83 -19.45 9.18 8.05
N THR A 84 -20.00 10.15 8.78
CA THR A 84 -19.35 11.46 8.91
C THR A 84 -18.78 11.74 10.32
N SER A 85 -18.86 10.77 11.22
CA SER A 85 -18.28 10.94 12.52
C SER A 85 -17.62 9.66 13.01
N TYR A 86 -16.80 9.80 14.02
CA TYR A 86 -16.25 8.67 14.75
C TYR A 86 -17.37 8.02 15.57
N PRO A 87 -17.19 6.76 15.95
CA PRO A 87 -18.19 6.16 16.84
C PRO A 87 -18.13 6.78 18.25
N ASP A 88 -19.14 6.64 19.11
CA ASP A 88 -18.89 6.84 20.59
C ASP A 88 -17.99 5.74 21.22
N GLY A 96 3.03 -5.69 19.76
CA GLY A 96 3.21 -5.02 21.04
C GLY A 96 3.66 -3.57 20.87
N GLY A 97 2.67 -2.66 21.05
CA GLY A 97 2.77 -1.22 21.49
C GLY A 97 2.09 -0.16 20.57
N ILE A 98 1.96 1.07 21.08
CA ILE A 98 1.56 2.21 20.29
C ILE A 98 2.48 3.40 20.63
N ARG A 99 2.81 4.21 19.64
CA ARG A 99 3.68 5.40 19.83
C ARG A 99 3.26 6.50 18.86
N ALA A 100 3.76 7.68 19.06
CA ALA A 100 3.53 8.79 18.18
C ALA A 100 4.67 8.98 17.20
N ALA A 101 4.39 9.06 15.90
CA ALA A 101 5.45 9.27 14.91
C ALA A 101 6.12 10.63 15.11
N THR A 102 7.45 10.67 14.91
CA THR A 102 8.16 11.95 15.04
C THR A 102 8.02 12.82 13.81
N SER A 103 8.48 14.08 13.88
CA SER A 103 8.36 14.98 12.75
C SER A 103 9.06 14.41 11.52
N GLN A 104 10.25 13.84 11.69
CA GLN A 104 11.03 13.31 10.56
C GLN A 104 10.24 12.14 9.96
N GLU A 105 9.66 11.31 10.78
CA GLU A 105 8.85 10.15 10.24
C GLU A 105 7.66 10.67 9.44
N ILE A 106 6.98 11.69 9.97
CA ILE A 106 5.82 12.26 9.24
C ILE A 106 6.31 12.94 7.94
N ASN A 107 7.46 13.62 7.96
CA ASN A 107 8.02 14.17 6.70
C ASN A 107 8.26 13.08 5.65
N GLU A 108 8.82 11.95 6.09
CA GLU A 108 9.07 10.84 5.16
C GLU A 108 7.76 10.27 4.60
N LEU A 109 6.80 10.01 5.47
CA LEU A 109 5.51 9.45 4.98
C LEU A 109 4.88 10.44 3.99
N THR A 110 5.03 11.75 4.27
CA THR A 110 4.46 12.77 3.41
C THR A 110 5.09 12.76 2.00
N TYR A 111 6.44 12.57 1.99
CA TYR A 111 7.14 12.52 0.70
C TYR A 111 6.61 11.37 -0.18
N TYR A 112 6.50 10.19 0.42
CA TYR A 112 6.00 9.08 -0.41
C TYR A 112 4.53 9.28 -0.84
N THR A 113 3.75 9.88 0.04
CA THR A 113 2.37 10.27 -0.33
C THR A 113 2.41 11.18 -1.56
N THR A 114 3.32 12.15 -1.61
CA THR A 114 3.44 13.05 -2.70
C THR A 114 3.72 12.31 -4.01
N LEU A 115 4.69 11.37 -3.97
CA LEU A 115 4.95 10.55 -5.15
C LEU A 115 3.69 9.79 -5.59
N SER A 116 3.04 9.13 -4.62
CA SER A 116 1.79 8.43 -4.97
C SER A 116 0.76 9.37 -5.60
N ALA A 117 0.60 10.54 -5.02
CA ALA A 117 -0.41 11.46 -5.50
C ALA A 117 -0.10 11.94 -6.91
N ASN A 118 1.17 12.28 -7.16
CA ASN A 118 1.55 12.86 -8.48
C ASN A 118 1.35 11.79 -9.59
N SER A 119 1.37 10.50 -9.22
CA SER A 119 1.21 9.46 -10.25
C SER A 119 -0.18 9.48 -10.91
N TYR A 120 -1.16 10.15 -10.27
CA TYR A 120 -2.49 10.29 -10.85
C TYR A 120 -2.53 11.34 -11.93
N CYS A 121 -1.49 12.19 -12.03
CA CYS A 121 -1.39 13.24 -13.01
C CYS A 121 -0.94 12.65 -14.35
N ARG A 122 -1.67 12.93 -15.43
CA ARG A 122 -1.32 12.34 -16.74
C ARG A 122 -0.08 13.04 -17.31
N THR A 123 0.31 14.21 -16.80
CA THR A 123 1.63 14.82 -17.21
C THR A 123 2.79 13.96 -16.69
N VAL A 124 2.53 13.21 -15.63
CA VAL A 124 3.52 12.35 -14.96
C VAL A 124 3.48 10.94 -15.59
N ILE A 125 2.32 10.30 -15.58
CA ILE A 125 2.12 9.04 -16.28
C ILE A 125 0.90 9.20 -17.20
N PRO A 126 1.03 9.13 -18.53
CA PRO A 126 2.24 8.71 -19.30
C PRO A 126 3.18 9.82 -19.77
N GLY A 127 2.92 11.05 -19.33
CA GLY A 127 3.66 12.18 -19.89
C GLY A 127 5.16 12.21 -19.58
N ALA A 128 5.53 11.60 -18.45
CA ALA A 128 6.96 11.46 -18.04
C ALA A 128 7.62 12.83 -17.83
N THR A 129 6.84 13.72 -17.24
CA THR A 129 7.30 15.08 -16.90
C THR A 129 6.94 15.38 -15.45
N TRP A 130 7.65 16.29 -14.81
CA TRP A 130 7.27 16.81 -13.50
C TRP A 130 6.53 18.16 -13.63
N ASP A 131 5.44 18.12 -14.33
N ASP A 131 5.48 18.18 -14.42
CA ASP A 131 4.55 19.28 -14.52
CA ASP A 131 4.64 19.38 -14.67
C ASP A 131 3.23 18.95 -13.86
C ASP A 131 3.24 19.24 -13.95
N CYS A 132 3.19 19.18 -12.60
CA CYS A 132 1.95 19.06 -11.88
C CYS A 132 2.00 19.87 -10.58
N ILE A 133 0.90 20.00 -9.82
CA ILE A 133 0.89 20.97 -8.71
C ILE A 133 1.80 20.59 -7.54
N HIS A 134 1.92 19.32 -7.14
CA HIS A 134 2.83 18.97 -6.09
C HIS A 134 4.11 18.40 -6.70
N CYS A 135 4.41 18.73 -7.98
CA CYS A 135 5.61 18.10 -8.62
C CYS A 135 6.90 18.84 -8.20
N ASP A 136 6.85 20.05 -7.65
CA ASP A 136 8.09 20.71 -7.10
C ASP A 136 8.97 19.84 -6.16
N ALA A 137 8.32 19.05 -5.30
CA ALA A 137 9.01 18.16 -4.32
C ALA A 137 9.78 17.02 -5.01
N THR A 138 9.41 16.63 -6.24
CA THR A 138 10.02 15.50 -6.89
C THR A 138 10.73 15.92 -8.19
N GLU A 139 10.88 17.23 -8.51
CA GLU A 139 11.29 17.68 -9.82
C GLU A 139 12.75 17.28 -10.17
N ASP A 140 13.61 16.94 -9.19
CA ASP A 140 15.00 16.61 -9.47
C ASP A 140 15.18 15.17 -9.74
N LEU A 141 14.11 14.38 -9.62
CA LEU A 141 14.19 12.97 -9.89
C LEU A 141 14.22 12.79 -11.40
N LYS A 142 15.09 11.85 -11.87
CA LYS A 142 15.08 11.41 -13.27
C LYS A 142 13.99 10.36 -13.47
N ILE A 143 13.10 10.60 -14.41
CA ILE A 143 12.06 9.60 -14.75
C ILE A 143 12.69 8.61 -15.76
N ILE A 144 12.76 7.37 -15.35
CA ILE A 144 13.45 6.36 -16.21
C ILE A 144 12.46 5.78 -17.23
N LYS A 145 11.23 5.44 -16.80
CA LYS A 145 10.24 4.80 -17.68
C LYS A 145 8.88 4.92 -16.95
N THR A 146 7.82 4.96 -17.76
CA THR A 146 6.45 4.81 -17.26
C THR A 146 5.73 3.76 -18.12
N TRP A 147 4.64 3.26 -17.56
CA TRP A 147 3.75 2.30 -18.20
C TRP A 147 2.29 2.67 -17.93
N SER A 148 1.45 2.29 -18.89
CA SER A 148 -0.01 2.36 -18.81
C SER A 148 -0.58 1.09 -19.50
N THR A 149 -0.80 0.05 -18.75
CA THR A 149 -1.01 -1.30 -19.36
C THR A 149 -2.42 -1.40 -19.95
N LEU A 150 -2.54 -2.33 -20.87
CA LEU A 150 -3.74 -2.41 -21.75
C LEU A 150 -5.01 -2.92 -21.04
N ILE A 151 -5.00 -4.04 -20.37
CA ILE A 151 -6.21 -4.72 -19.86
C ILE A 151 -6.60 -4.21 -18.47
N TYR A 152 -5.63 -4.08 -17.57
CA TYR A 152 -5.83 -3.79 -16.14
C TYR A 152 -5.49 -2.30 -15.86
N ASP A 153 -5.10 -1.54 -16.87
CA ASP A 153 -4.87 -0.08 -16.78
C ASP A 153 -3.91 0.19 -15.61
N THR A 154 -2.84 -0.62 -15.49
CA THR A 154 -1.82 -0.36 -14.45
C THR A 154 -0.91 0.75 -14.94
N ASN A 155 -0.85 1.81 -14.12
CA ASN A 155 -0.04 3.00 -14.38
C ASN A 155 1.05 3.05 -13.31
N ALA A 156 2.29 3.05 -13.78
CA ALA A 156 3.46 2.88 -12.90
C ALA A 156 4.64 3.64 -13.52
N MET A 157 5.62 3.93 -12.61
CA MET A 157 6.80 4.61 -13.08
C MET A 157 7.99 4.18 -12.21
N VAL A 158 9.15 4.25 -12.87
CA VAL A 158 10.48 4.14 -12.18
C VAL A 158 11.20 5.49 -12.33
N ALA A 159 11.75 5.98 -11.20
CA ALA A 159 12.48 7.25 -11.17
C ALA A 159 13.74 7.07 -10.31
N ARG A 160 14.72 8.00 -10.44
CA ARG A 160 15.93 7.91 -9.60
C ARG A 160 16.31 9.31 -9.09
N GLY A 161 16.63 9.34 -7.80
CA GLY A 161 17.14 10.55 -7.15
C GLY A 161 18.62 10.35 -6.80
N ASP A 162 19.50 11.07 -7.49
CA ASP A 162 20.95 10.87 -7.21
C ASP A 162 21.38 11.52 -5.87
N SER A 163 20.79 12.65 -5.49
CA SER A 163 21.12 13.25 -4.19
C SER A 163 20.75 12.32 -3.04
N GLU A 164 19.55 11.72 -3.09
CA GLU A 164 19.18 10.88 -1.98
C GLU A 164 19.46 9.39 -2.24
N LYS A 165 20.18 9.08 -3.33
CA LYS A 165 20.65 7.72 -3.62
C LYS A 165 19.50 6.70 -3.52
N THR A 166 18.39 7.03 -4.23
CA THR A 166 17.22 6.20 -4.18
C THR A 166 16.65 6.00 -5.61
N ILE A 167 16.31 4.71 -5.83
CA ILE A 167 15.54 4.23 -7.01
C ILE A 167 14.08 4.08 -6.55
N TYR A 168 13.21 4.85 -7.15
CA TYR A 168 11.79 4.88 -6.75
C TYR A 168 10.91 4.13 -7.75
N ILE A 169 9.97 3.41 -7.18
CA ILE A 169 8.89 2.75 -7.98
C ILE A 169 7.54 3.23 -7.43
N VAL A 170 6.71 3.75 -8.34
CA VAL A 170 5.45 4.32 -7.91
C VAL A 170 4.32 3.68 -8.75
N PHE A 171 3.30 3.26 -8.03
CA PHE A 171 2.07 2.72 -8.67
C PHE A 171 0.89 3.67 -8.40
N ARG A 172 0.17 4.02 -9.46
CA ARG A 172 -1.08 4.76 -9.32
C ARG A 172 -2.20 3.79 -8.91
N GLY A 173 -3.17 4.29 -8.14
CA GLY A 173 -4.46 3.56 -7.99
C GLY A 173 -5.39 3.72 -9.19
N SER A 174 -6.70 3.48 -8.94
CA SER A 174 -7.67 3.48 -10.01
C SER A 174 -7.87 4.90 -10.54
N SER A 175 -8.19 5.03 -11.81
CA SER A 175 -8.59 6.34 -12.34
C SER A 175 -10.08 6.67 -12.04
N SER A 176 -10.85 5.73 -11.47
CA SER A 176 -12.22 5.99 -11.05
C SER A 176 -12.42 5.35 -9.66
N ILE A 177 -11.90 6.05 -8.64
CA ILE A 177 -11.80 5.46 -7.30
C ILE A 177 -13.13 5.06 -6.70
N ARG A 178 -14.10 5.98 -6.78
CA ARG A 178 -15.39 5.65 -6.12
C ARG A 178 -15.98 4.38 -6.74
N ASN A 179 -15.91 4.25 -8.09
CA ASN A 179 -16.43 3.07 -8.78
C ASN A 179 -15.60 1.83 -8.47
N TRP A 180 -14.30 2.02 -8.30
CA TRP A 180 -13.40 0.93 -7.90
C TRP A 180 -13.80 0.38 -6.53
N ILE A 181 -14.04 1.28 -5.57
CA ILE A 181 -14.43 0.83 -4.26
C ILE A 181 -15.80 0.12 -4.38
N ALA A 182 -16.76 0.73 -5.07
CA ALA A 182 -18.13 0.20 -5.08
C ALA A 182 -18.14 -1.19 -5.73
N ASP A 183 -17.30 -1.35 -6.77
CA ASP A 183 -17.24 -2.58 -7.59
C ASP A 183 -16.28 -3.69 -7.11
N LEU A 184 -15.59 -3.48 -5.99
CA LEU A 184 -14.56 -4.40 -5.52
C LEU A 184 -15.20 -5.77 -5.23
N THR A 185 -14.58 -6.81 -5.76
CA THR A 185 -14.87 -8.17 -5.33
C THR A 185 -13.74 -8.71 -4.45
N PHE A 186 -13.96 -9.84 -3.88
CA PHE A 186 -12.93 -10.54 -3.18
C PHE A 186 -12.95 -11.94 -3.77
N VAL A 187 -11.88 -12.23 -4.49
CA VAL A 187 -11.65 -13.47 -5.21
C VAL A 187 -10.26 -13.98 -4.80
N PRO A 188 -10.22 -14.73 -3.69
CA PRO A 188 -8.91 -15.30 -3.27
C PRO A 188 -8.44 -16.41 -4.23
N VAL A 189 -7.15 -16.29 -4.62
CA VAL A 189 -6.50 -17.26 -5.47
C VAL A 189 -5.11 -17.59 -4.90
N SER A 190 -4.56 -18.72 -5.34
CA SER A 190 -3.19 -19.08 -5.01
C SER A 190 -2.26 -17.91 -5.39
N TYR A 191 -1.34 -17.54 -4.48
CA TYR A 191 -0.26 -16.64 -4.76
C TYR A 191 0.91 -17.47 -5.31
N PRO A 192 1.08 -17.44 -6.62
CA PRO A 192 1.98 -18.50 -7.20
C PRO A 192 3.41 -18.63 -6.63
N PRO A 193 4.08 -17.51 -6.35
CA PRO A 193 5.43 -17.66 -5.84
C PRO A 193 5.57 -18.43 -4.52
N VAL A 194 4.57 -18.40 -3.64
CA VAL A 194 4.67 -18.94 -2.29
C VAL A 194 3.56 -19.94 -1.99
N SER A 195 3.86 -21.22 -2.09
N SER A 195 3.92 -21.21 -1.93
CA SER A 195 2.83 -22.21 -1.90
CA SER A 195 3.01 -22.28 -1.68
C SER A 195 2.25 -22.07 -0.48
C SER A 195 2.26 -22.03 -0.38
N GLY A 196 0.96 -22.33 -0.35
CA GLY A 196 0.22 -22.25 0.95
C GLY A 196 -0.35 -20.87 1.24
N THR A 197 -0.24 -19.92 0.31
CA THR A 197 -0.68 -18.54 0.49
C THR A 197 -1.67 -18.15 -0.61
N LYS A 198 -2.50 -17.16 -0.27
CA LYS A 198 -3.52 -16.63 -1.24
C LYS A 198 -3.61 -15.11 -1.20
N VAL A 199 -3.96 -14.57 -2.38
CA VAL A 199 -4.11 -13.14 -2.56
C VAL A 199 -5.39 -12.88 -3.38
N HIS A 200 -5.85 -11.65 -3.35
CA HIS A 200 -6.99 -11.28 -4.17
C HIS A 200 -6.53 -11.28 -5.64
N LYS A 201 -7.34 -11.90 -6.48
CA LYS A 201 -6.99 -12.09 -7.91
C LYS A 201 -6.80 -10.73 -8.61
N GLY A 202 -7.71 -9.72 -8.38
CA GLY A 202 -7.58 -8.44 -9.11
C GLY A 202 -6.24 -7.80 -8.88
N PHE A 203 -5.77 -7.90 -7.64
CA PHE A 203 -4.48 -7.24 -7.27
C PHE A 203 -3.32 -7.96 -7.96
N LEU A 204 -3.41 -9.28 -7.93
CA LEU A 204 -2.35 -10.06 -8.56
C LEU A 204 -2.34 -9.79 -10.09
N ASP A 205 -3.51 -9.66 -10.71
CA ASP A 205 -3.60 -9.30 -12.10
C ASP A 205 -3.08 -7.91 -12.48
N SER A 206 -3.36 -6.95 -11.59
CA SER A 206 -2.85 -5.56 -11.81
C SER A 206 -1.31 -5.57 -11.91
N TYR A 207 -0.68 -6.34 -11.04
CA TYR A 207 0.80 -6.34 -11.03
C TYR A 207 1.34 -7.13 -12.21
N GLY A 208 0.76 -8.28 -12.43
CA GLY A 208 1.31 -9.20 -13.45
C GLY A 208 1.46 -8.57 -14.82
N GLU A 209 0.54 -7.71 -15.22
CA GLU A 209 0.58 -7.12 -16.56
C GLU A 209 1.80 -6.22 -16.76
N VAL A 210 2.30 -5.54 -15.73
CA VAL A 210 3.44 -4.58 -15.84
C VAL A 210 4.77 -5.22 -15.40
N GLN A 211 4.67 -6.37 -14.72
CA GLN A 211 5.77 -7.00 -13.97
C GLN A 211 7.03 -7.17 -14.84
N ASN A 212 6.94 -7.84 -15.98
CA ASN A 212 8.18 -8.23 -16.63
C ASN A 212 9.02 -7.02 -17.02
N GLU A 213 8.40 -6.06 -17.62
CA GLU A 213 9.15 -4.87 -18.05
C GLU A 213 9.63 -4.05 -16.85
N LEU A 214 8.76 -3.89 -15.86
CA LEU A 214 9.14 -3.05 -14.79
C LEU A 214 10.29 -3.65 -13.98
N VAL A 215 10.29 -4.93 -13.71
CA VAL A 215 11.40 -5.57 -13.00
C VAL A 215 12.69 -5.34 -13.81
N ALA A 216 12.65 -5.55 -15.12
CA ALA A 216 13.89 -5.43 -15.94
C ALA A 216 14.42 -3.99 -15.80
N THR A 217 13.55 -2.98 -15.80
CA THR A 217 13.97 -1.56 -15.67
C THR A 217 14.57 -1.31 -14.27
N VAL A 218 13.93 -1.83 -13.22
CA VAL A 218 14.41 -1.62 -11.87
C VAL A 218 15.78 -2.26 -11.69
N LEU A 219 15.92 -3.51 -12.14
CA LEU A 219 17.18 -4.22 -11.88
C LEU A 219 18.32 -3.64 -12.74
N ASP A 220 18.02 -3.05 -13.90
CA ASP A 220 19.00 -2.34 -14.69
C ASP A 220 19.50 -1.11 -13.90
N GLN A 221 18.60 -0.38 -13.28
CA GLN A 221 19.00 0.75 -12.45
C GLN A 221 19.82 0.28 -11.24
N PHE A 222 19.44 -0.83 -10.63
CA PHE A 222 20.12 -1.32 -9.45
C PHE A 222 21.54 -1.82 -9.83
N LYS A 223 21.74 -2.38 -11.01
CA LYS A 223 23.09 -2.78 -11.48
C LYS A 223 23.96 -1.54 -11.64
N GLN A 224 23.40 -0.45 -12.15
CA GLN A 224 24.16 0.77 -12.38
C GLN A 224 24.44 1.53 -11.06
N TYR A 225 23.54 1.43 -10.08
CA TYR A 225 23.64 2.23 -8.84
C TYR A 225 23.53 1.29 -7.63
N PRO A 226 24.54 0.41 -7.44
CA PRO A 226 24.38 -0.68 -6.53
C PRO A 226 24.20 -0.30 -5.04
N SER A 227 24.65 0.92 -4.63
CA SER A 227 24.51 1.36 -3.22
C SER A 227 23.19 2.11 -3.00
N TYR A 228 22.36 2.28 -4.04
CA TYR A 228 21.12 3.02 -3.83
C TYR A 228 20.07 2.13 -3.14
N LYS A 229 19.20 2.82 -2.35
CA LYS A 229 17.97 2.24 -1.77
C LYS A 229 16.97 2.06 -2.92
N VAL A 230 16.15 0.99 -2.80
CA VAL A 230 14.96 0.85 -3.67
C VAL A 230 13.72 1.06 -2.79
N ALA A 231 12.91 2.04 -3.19
CA ALA A 231 11.74 2.44 -2.41
C ALA A 231 10.51 2.32 -3.33
N VAL A 232 9.50 1.59 -2.82
CA VAL A 232 8.26 1.32 -3.57
C VAL A 232 7.11 2.05 -2.84
N THR A 233 6.24 2.71 -3.63
CA THR A 233 5.08 3.39 -3.02
C THR A 233 3.85 3.31 -3.91
N GLY A 234 2.70 3.39 -3.23
CA GLY A 234 1.46 3.58 -3.95
C GLY A 234 0.30 3.79 -2.97
N HIS A 235 -0.74 4.44 -3.55
CA HIS A 235 -2.03 4.72 -2.84
C HIS A 235 -3.12 3.85 -3.44
N SER A 236 -4.02 3.42 -2.57
CA SER A 236 -5.22 2.74 -2.97
C SER A 236 -4.82 1.40 -3.65
N LEU A 237 -5.42 1.10 -4.81
CA LEU A 237 -5.04 -0.05 -5.53
C LEU A 237 -3.50 -0.08 -5.78
N GLY A 238 -2.95 1.10 -5.99
CA GLY A 238 -1.51 1.22 -6.20
C GLY A 238 -0.72 0.74 -5.01
N GLY A 239 -1.24 0.83 -3.82
CA GLY A 239 -0.56 0.25 -2.68
C GLY A 239 -0.53 -1.27 -2.67
N ALA A 240 -1.61 -1.88 -3.14
CA ALA A 240 -1.62 -3.34 -3.34
C ALA A 240 -0.58 -3.77 -4.38
N THR A 241 -0.56 -3.06 -5.50
CA THR A 241 0.40 -3.35 -6.55
C THR A 241 1.83 -3.16 -6.01
N ALA A 242 2.03 -2.11 -5.23
CA ALA A 242 3.36 -1.82 -4.67
C ALA A 242 3.78 -2.94 -3.76
N LEU A 243 2.98 -3.47 -2.93
CA LEU A 243 3.32 -4.60 -2.11
C LEU A 243 3.80 -5.79 -2.97
N LEU A 244 2.96 -6.19 -3.95
CA LEU A 244 3.31 -7.35 -4.75
C LEU A 244 4.64 -7.07 -5.47
N CYS A 245 4.88 -5.82 -5.93
CA CYS A 245 6.15 -5.47 -6.62
C CYS A 245 7.29 -5.65 -5.62
N ALA A 246 7.21 -5.14 -4.39
CA ALA A 246 8.34 -5.26 -3.42
C ALA A 246 8.64 -6.74 -3.18
N LEU A 247 7.63 -7.56 -3.04
CA LEU A 247 7.85 -8.97 -2.77
C LEU A 247 8.55 -9.63 -3.97
N ASP A 248 8.11 -9.28 -5.17
CA ASP A 248 8.70 -9.88 -6.38
C ASP A 248 10.17 -9.52 -6.48
N LEU A 249 10.53 -8.28 -6.23
CA LEU A 249 11.94 -7.86 -6.28
C LEU A 249 12.74 -8.60 -5.23
N TYR A 250 12.27 -8.75 -4.03
CA TYR A 250 12.97 -9.55 -3.01
C TYR A 250 13.13 -11.01 -3.48
N GLN A 251 12.14 -11.57 -4.08
CA GLN A 251 12.14 -12.96 -4.47
C GLN A 251 13.10 -13.22 -5.64
N ARG A 252 13.42 -12.22 -6.43
CA ARG A 252 14.18 -12.40 -7.69
C ARG A 252 15.57 -11.77 -7.69
N GLU A 253 15.87 -10.95 -6.70
CA GLU A 253 17.21 -10.27 -6.73
C GLU A 253 17.91 -10.44 -5.36
N GLU A 254 18.93 -11.29 -5.27
CA GLU A 254 19.63 -11.57 -4.03
C GLU A 254 20.19 -10.28 -3.38
N GLY A 255 20.56 -9.32 -4.20
CA GLY A 255 21.17 -8.09 -3.72
C GLY A 255 20.19 -7.13 -3.02
N LEU A 256 18.90 -7.42 -3.03
CA LEU A 256 17.93 -6.62 -2.29
C LEU A 256 17.54 -7.39 -1.03
N SER A 257 17.36 -6.64 0.05
CA SER A 257 16.98 -7.23 1.32
C SER A 257 16.39 -6.11 2.19
N SER A 258 16.18 -6.43 3.47
CA SER A 258 15.71 -5.44 4.45
C SER A 258 16.64 -4.23 4.52
N SER A 259 17.92 -4.34 4.12
CA SER A 259 18.85 -3.20 4.24
C SER A 259 18.57 -2.13 3.18
N ASN A 260 18.02 -2.54 2.02
CA ASN A 260 17.97 -1.64 0.88
C ASN A 260 16.69 -1.70 0.05
N LEU A 261 15.62 -2.32 0.58
CA LEU A 261 14.34 -2.42 -0.14
C LEU A 261 13.25 -2.01 0.87
N PHE A 262 12.51 -0.94 0.53
CA PHE A 262 11.57 -0.33 1.47
C PHE A 262 10.23 -0.16 0.75
N LEU A 263 9.15 -0.33 1.54
CA LEU A 263 7.76 -0.23 1.02
C LEU A 263 6.95 0.75 1.87
N TYR A 264 6.31 1.71 1.14
CA TYR A 264 5.41 2.72 1.76
C TYR A 264 4.06 2.68 1.02
N THR A 265 2.95 2.53 1.75
CA THR A 265 1.67 2.57 1.05
C THR A 265 0.74 3.58 1.81
N GLN A 266 -0.29 4.00 1.08
CA GLN A 266 -1.29 4.91 1.66
C GLN A 266 -2.66 4.35 1.27
N GLY A 267 -3.54 4.24 2.25
CA GLY A 267 -4.91 3.80 1.88
C GLY A 267 -4.96 2.46 1.16
N GLN A 268 -4.08 1.56 1.59
CA GLN A 268 -3.97 0.27 0.89
C GLN A 268 -5.00 -0.73 1.41
N PRO A 269 -5.70 -1.45 0.48
CA PRO A 269 -6.60 -2.54 0.89
C PRO A 269 -5.82 -3.74 1.44
N ARG A 270 -6.50 -4.63 2.12
CA ARG A 270 -5.88 -5.90 2.42
C ARG A 270 -5.67 -6.70 1.13
N VAL A 271 -4.54 -7.43 1.05
CA VAL A 271 -4.10 -8.06 -0.21
C VAL A 271 -4.22 -9.57 -0.16
N GLY A 272 -4.01 -10.18 0.96
CA GLY A 272 -4.10 -11.65 1.03
C GLY A 272 -4.43 -12.21 2.40
N ASP A 273 -4.36 -13.52 2.56
CA ASP A 273 -4.82 -14.22 3.73
C ASP A 273 -3.76 -14.25 4.84
N PRO A 274 -4.06 -14.81 5.99
CA PRO A 274 -3.11 -14.75 7.08
C PRO A 274 -1.78 -15.44 6.76
N ALA A 275 -1.80 -16.50 5.98
CA ALA A 275 -0.51 -17.15 5.58
C ALA A 275 0.29 -16.19 4.69
N PHE A 276 -0.37 -15.53 3.76
CA PHE A 276 0.31 -14.48 2.94
C PHE A 276 0.90 -13.39 3.87
N ALA A 277 0.13 -12.86 4.83
CA ALA A 277 0.64 -11.78 5.68
C ALA A 277 1.86 -12.28 6.48
N ASN A 278 1.80 -13.50 7.00
CA ASN A 278 2.92 -14.02 7.75
C ASN A 278 4.15 -14.16 6.84
N TYR A 279 3.94 -14.54 5.59
CA TYR A 279 5.03 -14.58 4.57
C TYR A 279 5.61 -13.17 4.41
N VAL A 280 4.78 -12.15 4.28
CA VAL A 280 5.29 -10.78 4.06
C VAL A 280 6.18 -10.40 5.27
N VAL A 281 5.71 -10.67 6.49
CA VAL A 281 6.49 -10.35 7.70
C VAL A 281 7.87 -11.02 7.62
N SER A 282 7.85 -12.27 7.20
CA SER A 282 9.08 -13.11 7.17
C SER A 282 10.17 -12.51 6.26
N THR A 283 9.80 -11.72 5.25
CA THR A 283 10.76 -11.18 4.32
C THR A 283 11.65 -10.17 5.04
N GLY A 284 11.11 -9.58 6.15
CA GLY A 284 11.80 -8.48 6.84
C GLY A 284 11.79 -7.14 6.12
N ILE A 285 11.11 -6.99 4.99
CA ILE A 285 11.13 -5.74 4.23
C ILE A 285 10.55 -4.65 5.15
N PRO A 286 11.25 -3.53 5.33
CA PRO A 286 10.65 -2.41 6.04
C PRO A 286 9.40 -1.91 5.31
N TYR A 287 8.30 -1.77 6.11
CA TYR A 287 6.97 -1.63 5.52
C TYR A 287 6.15 -0.73 6.42
N ARG A 288 5.92 0.49 5.87
CA ARG A 288 5.14 1.50 6.59
C ARG A 288 3.79 1.65 5.84
N ARG A 289 2.73 1.26 6.52
CA ARG A 289 1.40 1.28 5.89
C ARG A 289 0.55 2.42 6.56
N THR A 290 0.38 3.51 5.77
CA THR A 290 -0.30 4.71 6.34
C THR A 290 -1.81 4.60 6.03
N VAL A 291 -2.54 5.01 7.08
CA VAL A 291 -4.02 5.04 7.06
C VAL A 291 -4.49 6.40 7.55
N ASN A 292 -5.36 7.03 6.77
CA ASN A 292 -5.85 8.38 7.13
C ASN A 292 -7.20 8.24 7.86
N GLU A 293 -7.19 8.50 9.17
CA GLU A 293 -8.42 8.62 9.94
C GLU A 293 -9.33 7.45 9.62
N ARG A 294 -10.53 7.72 9.11
CA ARG A 294 -11.59 6.69 8.94
C ARG A 294 -11.63 6.16 7.49
N ASP A 295 -10.54 6.25 6.76
CA ASP A 295 -10.49 5.72 5.36
C ASP A 295 -11.03 4.29 5.33
N ILE A 296 -12.06 4.04 4.52
CA ILE A 296 -12.65 2.69 4.34
C ILE A 296 -11.65 1.69 3.70
N VAL A 297 -10.76 2.15 2.79
CA VAL A 297 -10.08 1.15 1.92
C VAL A 297 -9.15 0.19 2.67
N PRO A 298 -8.43 0.63 3.69
CA PRO A 298 -7.66 -0.27 4.57
C PRO A 298 -8.46 -1.33 5.32
N HIS A 299 -9.83 -1.20 5.27
CA HIS A 299 -10.71 -2.15 5.95
C HIS A 299 -11.42 -3.08 4.97
N LEU A 300 -10.97 -3.03 3.72
CA LEU A 300 -11.51 -3.86 2.68
C LEU A 300 -10.46 -4.80 2.05
N PRO A 301 -10.86 -6.03 1.74
CA PRO A 301 -12.01 -6.78 2.28
C PRO A 301 -11.90 -6.83 3.81
N PRO A 302 -13.03 -6.90 4.53
CA PRO A 302 -12.96 -6.98 5.98
C PRO A 302 -12.07 -8.16 6.46
N ALA A 303 -11.47 -8.06 7.64
CA ALA A 303 -10.67 -9.12 8.19
C ALA A 303 -11.50 -10.39 8.42
N ALA A 304 -12.79 -10.20 8.73
CA ALA A 304 -13.65 -11.35 9.00
C ALA A 304 -13.83 -12.20 7.73
N PHE A 305 -13.60 -11.65 6.53
CA PHE A 305 -13.69 -12.42 5.28
C PHE A 305 -12.43 -13.25 5.00
N GLY A 306 -11.45 -13.23 5.91
CA GLY A 306 -10.24 -14.08 5.81
C GLY A 306 -9.04 -13.42 5.20
N PHE A 307 -8.99 -12.12 5.20
CA PHE A 307 -7.79 -11.38 4.79
C PHE A 307 -7.13 -10.73 6.01
N LEU A 308 -5.85 -10.39 5.87
CA LEU A 308 -5.07 -9.84 6.98
C LEU A 308 -3.92 -8.99 6.45
N HIS A 309 -3.69 -7.85 7.12
CA HIS A 309 -2.57 -6.95 6.73
C HIS A 309 -1.29 -7.32 7.47
N ALA A 310 -0.21 -7.28 6.71
CA ALA A 310 1.13 -7.06 7.21
C ALA A 310 1.48 -5.58 6.99
N GLY A 311 2.57 -5.16 7.65
CA GLY A 311 3.14 -3.87 7.57
C GLY A 311 2.61 -2.98 8.69
N GLU A 312 3.58 -2.41 9.40
CA GLU A 312 3.30 -1.56 10.60
C GLU A 312 2.37 -0.38 10.22
N GLU A 313 1.28 -0.25 11.01
CA GLU A 313 0.29 0.80 10.71
C GLU A 313 0.68 2.17 11.26
N TYR A 314 0.68 3.15 10.38
CA TYR A 314 0.85 4.57 10.72
C TYR A 314 -0.48 5.28 10.48
N TRP A 315 -1.19 5.51 11.60
CA TRP A 315 -2.58 5.99 11.54
C TRP A 315 -2.61 7.50 11.77
N ILE A 316 -2.96 8.23 10.71
CA ILE A 316 -3.15 9.66 10.88
C ILE A 316 -4.44 9.90 11.71
N THR A 317 -4.32 10.52 12.88
CA THR A 317 -5.52 10.73 13.73
C THR A 317 -6.00 12.17 13.73
N ASP A 318 -5.24 13.09 13.18
CA ASP A 318 -5.58 14.53 13.30
C ASP A 318 -4.66 15.25 12.31
N ASN A 319 -5.17 16.29 11.66
CA ASN A 319 -4.37 17.15 10.77
C ASN A 319 -4.04 18.48 11.46
N SER A 320 -4.65 18.80 12.58
CA SER A 320 -4.44 20.11 13.18
C SER A 320 -4.29 20.00 14.70
N PRO A 321 -3.11 19.74 15.26
CA PRO A 321 -1.82 19.44 14.57
C PRO A 321 -1.74 18.03 13.98
N GLU A 322 -0.85 17.84 13.03
CA GLU A 322 -0.69 16.51 12.39
C GLU A 322 -0.14 15.57 13.44
N THR A 323 -0.85 14.46 13.58
CA THR A 323 -0.61 13.45 14.59
C THR A 323 -0.69 12.08 13.91
N VAL A 324 0.28 11.20 14.11
CA VAL A 324 0.28 9.87 13.53
C VAL A 324 0.55 8.90 14.69
N GLN A 325 -0.41 8.01 14.93
CA GLN A 325 -0.32 6.94 15.94
C GLN A 325 0.21 5.68 15.25
N VAL A 326 1.29 5.13 15.75
CA VAL A 326 1.97 3.99 15.14
C VAL A 326 1.64 2.77 16.00
N CYS A 327 1.06 1.73 15.39
CA CYS A 327 0.84 0.50 16.11
C CYS A 327 2.05 -0.37 15.76
N THR A 328 2.93 -0.58 16.76
CA THR A 328 4.28 -1.17 16.52
C THR A 328 4.28 -2.70 16.53
N SER A 329 3.50 -3.24 15.60
N SER A 329 3.55 -3.23 15.56
CA SER A 329 3.39 -4.63 15.34
CA SER A 329 3.35 -4.64 15.33
C SER A 329 3.42 -4.81 13.81
C SER A 329 3.33 -4.86 13.81
N ASP A 330 4.02 -5.92 13.36
CA ASP A 330 4.12 -6.18 11.92
C ASP A 330 2.80 -6.72 11.37
N LEU A 331 2.09 -7.51 12.18
CA LEU A 331 0.64 -7.85 11.78
C LEU A 331 -0.34 -6.86 12.39
N GLU A 332 -1.43 -6.59 11.66
CA GLU A 332 -2.33 -5.53 12.13
C GLU A 332 -2.98 -5.91 13.48
N THR A 333 -3.36 -4.82 14.20
CA THR A 333 -3.91 -4.89 15.54
C THR A 333 -5.30 -4.27 15.60
N SER A 334 -5.92 -4.40 16.77
CA SER A 334 -7.19 -3.75 17.07
C SER A 334 -6.99 -2.34 17.64
N ASP A 335 -5.78 -1.81 17.69
CA ASP A 335 -5.49 -0.61 18.49
C ASP A 335 -5.36 0.70 17.69
N CYS A 336 -5.27 0.64 16.38
CA CYS A 336 -5.23 1.84 15.55
C CYS A 336 -6.51 1.92 14.70
N SER A 337 -6.49 2.03 13.37
CA SER A 337 -7.73 2.34 12.62
C SER A 337 -8.76 1.21 12.72
N ASN A 338 -8.37 -0.02 13.03
CA ASN A 338 -9.35 -1.07 13.24
C ASN A 338 -10.27 -0.77 14.42
N SER A 339 -9.90 0.15 15.29
CA SER A 339 -10.74 0.52 16.46
C SER A 339 -11.97 1.32 16.05
N ILE A 340 -12.06 1.84 14.81
CA ILE A 340 -13.18 2.72 14.45
C ILE A 340 -14.17 2.09 13.48
N VAL A 341 -13.98 0.81 13.08
CA VAL A 341 -14.92 0.23 12.17
C VAL A 341 -16.27 -0.01 12.89
N PRO A 342 -17.39 0.01 12.17
CA PRO A 342 -17.53 0.24 10.72
C PRO A 342 -17.78 1.70 10.33
N PHE A 343 -17.36 2.68 11.16
CA PHE A 343 -17.67 4.13 10.95
C PHE A 343 -16.61 4.73 10.00
N THR A 344 -16.50 4.14 8.78
CA THR A 344 -15.51 4.51 7.80
C THR A 344 -16.04 5.52 6.76
N SER A 345 -15.19 5.94 5.84
CA SER A 345 -15.41 7.01 4.92
C SER A 345 -14.62 6.90 3.62
N VAL A 346 -15.26 7.08 2.45
CA VAL A 346 -14.55 7.26 1.23
C VAL A 346 -13.80 8.58 1.25
N LEU A 347 -14.38 9.65 1.80
CA LEU A 347 -13.75 11.01 1.74
C LEU A 347 -12.36 10.96 2.40
N ASP A 348 -12.22 10.21 3.49
CA ASP A 348 -10.91 10.13 4.20
C ASP A 348 -9.88 9.36 3.33
N HIS A 349 -10.29 8.62 2.31
CA HIS A 349 -9.34 8.00 1.39
C HIS A 349 -8.72 8.99 0.44
N LEU A 350 -9.34 10.13 0.20
CA LEU A 350 -9.00 11.02 -0.91
C LEU A 350 -8.08 12.17 -0.48
N SER A 351 -7.62 12.20 0.74
CA SER A 351 -6.50 13.07 1.04
C SER A 351 -5.73 12.51 2.24
N TYR A 352 -4.41 12.63 2.10
CA TYR A 352 -3.40 12.16 3.07
C TYR A 352 -2.43 13.32 3.30
N PHE A 353 -2.31 13.74 4.57
CA PHE A 353 -1.38 14.84 4.93
C PHE A 353 -1.73 16.12 4.19
N GLY A 354 -3.04 16.32 3.88
CA GLY A 354 -3.51 17.52 3.20
C GLY A 354 -3.24 17.55 1.70
N ILE A 355 -2.75 16.41 1.18
CA ILE A 355 -2.46 16.21 -0.22
C ILE A 355 -3.61 15.39 -0.84
N ASN A 356 -4.19 15.90 -1.95
CA ASN A 356 -5.26 15.14 -2.61
C ASN A 356 -4.67 13.86 -3.24
N THR A 357 -5.23 12.73 -2.86
CA THR A 357 -4.73 11.40 -3.29
C THR A 357 -5.87 10.71 -4.07
N GLY A 358 -5.68 10.60 -5.37
CA GLY A 358 -6.68 10.08 -6.27
C GLY A 358 -7.25 11.07 -7.26
N LEU A 359 -6.91 12.34 -7.05
CA LEU A 359 -7.28 13.44 -7.89
C LEU A 359 -6.05 14.35 -8.03
N CYS A 360 -5.66 14.67 -9.26
CA CYS A 360 -4.49 15.47 -9.59
C CYS A 360 -4.87 16.97 -9.47
N THR A 361 -5.03 17.39 -8.22
CA THR A 361 -5.33 18.79 -7.88
C THR A 361 -4.66 19.12 -6.53
C1 NAG B . -24.86 8.54 2.49
C2 NAG B . -25.53 9.78 3.12
C3 NAG B . -27.03 9.59 2.96
C4 NAG B . -27.50 9.24 1.53
C5 NAG B . -26.68 8.02 1.06
C6 NAG B . -26.86 7.65 -0.41
C7 NAG B . -24.18 10.71 5.02
C8 NAG B . -24.10 10.79 6.56
N2 NAG B . -25.18 9.91 4.53
O3 NAG B . -27.59 10.82 3.53
O4 NAG B . -28.93 8.86 1.33
O5 NAG B . -25.25 8.16 1.13
O6 NAG B . -26.31 8.68 -1.20
O7 NAG B . -23.41 11.32 4.24
#